data_7XP3
#
_entry.id   7XP3
#
_cell.length_a   92.592
_cell.length_b   92.592
_cell.length_c   216.900
_cell.angle_alpha   90.00
_cell.angle_beta   90.00
_cell.angle_gamma   120.00
#
_symmetry.space_group_name_H-M   'P 62'
#
loop_
_entity.id
_entity.type
_entity.pdbx_description
1 polymer 'NAC domain-containing protein 92'
2 polymer "DNA (5'-D(*AP*GP*TP*TP*AP*CP*GP*TP*AP*CP*GP*GP*CP*AP*CP*AP*CP*GP*TP*AP*AP*C)-3')"
3 polymer "DNA (5'-D(*TP*GP*TP*TP*AP*CP*GP*TP*GP*TP*GP*CP*CP*GP*TP*AP*CP*GP*TP*AP*AP*C)-3')"
4 polymer "DNA (5'-D(P*GP*TP*TP*AP*CP*GP*TP*GP*TP*GP*C)-3')"
5 polymer "DNA (5'-D(P*CP*AP*CP*AP*CP*GP*TP*AP*AP*C)-3')"
#
loop_
_entity_poly.entity_id
_entity_poly.type
_entity_poly.pdbx_seq_one_letter_code
_entity_poly.pdbx_strand_id
1 'polypeptide(L)'
;VEDEEHIDLPPGFRFHPTDEELITHYLKPKVFNTFFSATAIGEVDLNKIEPWDLPWKAKMGEKEWYFFCVRDRKYPTGLR
TNRATEAGYWKATGKDKEIFKGKSLVGMKKTLVFYKGRAPKGVKTNWVMHEYRLEGKYCIENLPQTAKNEWVICRVFQK
;
A,B,C
2 'polydeoxyribonucleotide'
;(DA)(DG)(DT)(DT)(DA)(DC)(DG)(DT)(DA)(DC)(DG)(DG)(DC)(DA)(DC)(DA)(DC)(DG)(DT)(DA)
(DA)(DC)
;
E
3 'polydeoxyribonucleotide'
;(DT)(DG)(DT)(DT)(DA)(DC)(DG)(DT)(DG)(DT)(DG)(DC)(DC)(DG)(DT)(DA)(DC)(DG)(DT)(DA)
(DA)(DC)
;
F
4 'polydeoxyribonucleotide' (DA)(DG)(DT)(DT)(DA)(DC)(DG)(DT)(DG)(DT)(DG)(DC) G
5 'polydeoxyribonucleotide' (DC)(DA)(DC)(DA)(DC)(DG)(DT)(DA)(DA)(DC) H
#
loop_
_chem_comp.id
_chem_comp.type
_chem_comp.name
_chem_comp.formula
DA DNA linking 2'-DEOXYADENOSINE-5'-MONOPHOSPHATE 'C10 H14 N5 O6 P'
DC DNA linking 2'-DEOXYCYTIDINE-5'-MONOPHOSPHATE 'C9 H14 N3 O7 P'
DG DNA linking 2'-DEOXYGUANOSINE-5'-MONOPHOSPHATE 'C10 H14 N5 O7 P'
DT DNA linking THYMIDINE-5'-MONOPHOSPHATE 'C10 H15 N2 O8 P'
#
# COMPACT_ATOMS: atom_id res chain seq x y z
N ILE A 7 15.90 22.56 -8.14
CA ILE A 7 17.09 21.88 -7.55
C ILE A 7 16.75 20.40 -7.36
N ASP A 8 17.75 19.56 -7.12
CA ASP A 8 17.48 18.12 -6.82
C ASP A 8 16.73 18.06 -5.48
N LEU A 9 15.59 17.36 -5.46
CA LEU A 9 14.79 17.23 -4.21
C LEU A 9 15.19 15.95 -3.49
N PRO A 10 15.38 15.90 -2.14
CA PRO A 10 15.64 14.64 -1.46
C PRO A 10 14.47 13.69 -1.78
N PRO A 11 14.63 12.34 -1.80
CA PRO A 11 13.53 11.45 -2.18
C PRO A 11 12.25 11.73 -1.37
N GLY A 12 11.10 11.78 -2.04
CA GLY A 12 9.84 11.95 -1.31
C GLY A 12 9.44 13.41 -1.24
N PHE A 13 10.40 14.33 -1.21
CA PHE A 13 10.05 15.77 -1.26
C PHE A 13 9.40 16.06 -2.61
N ARG A 14 8.10 16.38 -2.62
CA ARG A 14 7.39 16.62 -3.91
C ARG A 14 6.58 17.91 -3.80
N PHE A 15 5.94 18.31 -4.90
CA PHE A 15 5.07 19.51 -4.90
C PHE A 15 3.64 19.05 -4.61
N HIS A 16 3.25 19.07 -3.33
CA HIS A 16 1.85 18.75 -2.95
C HIS A 16 1.28 19.95 -2.20
N PRO A 17 0.88 21.08 -2.85
CA PRO A 17 0.45 22.26 -2.11
C PRO A 17 -0.99 22.19 -1.57
N THR A 18 -1.25 22.87 -0.45
CA THR A 18 -2.64 22.91 0.06
C THR A 18 -3.45 23.80 -0.88
N ASP A 19 -4.78 23.73 -0.80
CA ASP A 19 -5.64 24.52 -1.73
C ASP A 19 -5.27 26.00 -1.60
N GLU A 20 -5.09 26.50 -0.37
CA GLU A 20 -4.83 27.96 -0.19
C GLU A 20 -3.47 28.34 -0.77
N GLU A 21 -2.48 27.45 -0.69
CA GLU A 21 -1.14 27.73 -1.26
C GLU A 21 -1.27 27.89 -2.78
N LEU A 22 -2.10 27.07 -3.41
CA LEU A 22 -2.32 27.19 -4.88
C LEU A 22 -2.94 28.56 -5.18
N ILE A 23 -4.02 28.93 -4.50
CA ILE A 23 -4.70 30.21 -4.83
C ILE A 23 -3.78 31.38 -4.47
N THR A 24 -3.30 31.45 -3.22
CA THR A 24 -2.49 32.61 -2.78
C THR A 24 -1.17 32.75 -3.53
N HIS A 25 -0.36 31.69 -3.61
CA HIS A 25 1.00 31.83 -4.19
C HIS A 25 1.08 31.54 -5.69
N TYR A 26 0.04 30.96 -6.29
CA TYR A 26 0.16 30.58 -7.73
C TYR A 26 -0.89 31.28 -8.61
N LEU A 27 -2.18 30.99 -8.43
CA LEU A 27 -3.20 31.55 -9.36
C LEU A 27 -3.32 33.06 -9.16
N LYS A 28 -3.41 33.52 -7.91
CA LYS A 28 -3.58 34.97 -7.63
C LYS A 28 -2.49 35.79 -8.33
N PRO A 29 -1.16 35.56 -8.15
CA PRO A 29 -0.16 36.38 -8.83
C PRO A 29 -0.32 36.37 -10.36
N LYS A 30 -0.57 35.19 -10.94
CA LYS A 30 -0.70 35.07 -12.43
C LYS A 30 -1.87 35.93 -12.90
N VAL A 31 -2.98 35.91 -12.17
CA VAL A 31 -4.17 36.68 -12.64
C VAL A 31 -3.72 38.13 -12.83
N PHE A 32 -2.97 38.67 -11.86
CA PHE A 32 -2.46 40.06 -11.98
C PHE A 32 -1.40 40.15 -13.09
N ASN A 33 -0.34 39.35 -13.00
CA ASN A 33 0.78 39.42 -13.98
C ASN A 33 0.71 38.22 -14.92
N THR A 34 0.34 38.45 -16.19
CA THR A 34 0.19 37.34 -17.16
C THR A 34 1.56 36.70 -17.41
N PHE A 35 2.63 37.34 -16.94
CA PHE A 35 4.00 36.82 -17.19
C PHE A 35 4.53 36.12 -15.95
N PHE A 36 3.65 35.80 -15.00
CA PHE A 36 4.09 35.02 -13.80
C PHE A 36 4.54 33.63 -14.27
N SER A 37 5.69 33.16 -13.75
CA SER A 37 6.22 31.85 -14.18
C SER A 37 6.49 30.96 -12.96
N ALA A 38 6.14 29.68 -13.05
CA ALA A 38 6.40 28.74 -11.93
C ALA A 38 7.05 27.48 -12.48
N THR A 39 8.17 27.04 -11.88
CA THR A 39 8.90 25.85 -12.38
C THR A 39 8.00 24.63 -12.20
N ALA A 40 7.24 24.57 -11.12
CA ALA A 40 6.42 23.36 -10.84
C ALA A 40 5.22 23.25 -11.78
N ILE A 41 4.75 24.37 -12.34
CA ILE A 41 3.47 24.28 -13.12
C ILE A 41 3.56 25.02 -14.47
N GLY A 42 3.27 24.32 -15.58
CA GLY A 42 3.34 24.94 -16.92
C GLY A 42 1.97 25.45 -17.38
N GLU A 43 1.85 25.87 -18.64
CA GLU A 43 0.58 26.43 -19.16
C GLU A 43 0.17 25.70 -20.44
N VAL A 44 -1.04 25.12 -20.48
CA VAL A 44 -1.53 24.46 -21.71
C VAL A 44 -2.98 24.88 -21.96
N ASP A 45 -3.51 24.60 -23.16
CA ASP A 45 -4.94 24.87 -23.43
C ASP A 45 -5.65 23.51 -23.53
N LEU A 46 -6.35 23.12 -22.47
CA LEU A 46 -6.97 21.77 -22.41
C LEU A 46 -8.03 21.66 -23.52
N ASN A 47 -8.45 22.78 -24.09
CA ASN A 47 -9.40 22.73 -25.23
C ASN A 47 -8.68 22.12 -26.44
N LYS A 48 -7.35 22.27 -26.49
CA LYS A 48 -6.56 21.67 -27.61
C LYS A 48 -5.85 20.38 -27.15
N ILE A 49 -5.01 20.46 -26.12
CA ILE A 49 -4.21 19.26 -25.69
C ILE A 49 -5.14 18.19 -25.13
N GLU A 50 -4.71 16.93 -25.18
CA GLU A 50 -5.56 15.81 -24.71
C GLU A 50 -4.93 15.20 -23.46
N PRO A 51 -5.70 14.60 -22.51
CA PRO A 51 -5.11 14.12 -21.24
C PRO A 51 -4.13 12.95 -21.43
N TRP A 52 -4.29 12.14 -22.47
CA TRP A 52 -3.31 11.05 -22.74
C TRP A 52 -1.97 11.68 -23.13
N ASP A 53 -2.01 12.73 -23.95
CA ASP A 53 -0.76 13.39 -24.43
C ASP A 53 -0.26 14.37 -23.36
N LEU A 54 -1.09 14.68 -22.36
CA LEU A 54 -0.75 15.71 -21.34
C LEU A 54 0.59 15.46 -20.63
N PRO A 55 0.90 14.27 -20.03
CA PRO A 55 2.14 14.10 -19.27
C PRO A 55 3.41 14.37 -20.09
N TRP A 56 3.34 14.24 -21.42
CA TRP A 56 4.50 14.56 -22.29
C TRP A 56 4.79 16.06 -22.17
N LYS A 57 3.76 16.89 -22.30
CA LYS A 57 3.92 18.37 -22.15
C LYS A 57 3.69 18.75 -20.69
N ALA A 58 4.50 18.19 -19.77
CA ALA A 58 4.36 18.52 -18.33
C ALA A 58 5.71 18.97 -17.76
N LYS A 59 5.70 19.67 -16.62
CA LYS A 59 6.96 20.12 -15.99
C LYS A 59 7.04 19.62 -14.54
N MET A 60 8.16 19.00 -14.14
CA MET A 60 8.34 18.52 -12.75
C MET A 60 7.10 17.75 -12.26
N GLY A 61 6.70 16.68 -12.95
CA GLY A 61 5.49 15.92 -12.56
C GLY A 61 5.57 14.45 -12.92
N GLU A 62 5.26 13.58 -11.95
CA GLU A 62 5.22 12.11 -12.19
C GLU A 62 3.81 11.60 -11.88
N LYS A 63 3.37 11.69 -10.62
CA LYS A 63 2.03 11.17 -10.23
C LYS A 63 0.94 12.16 -10.62
N GLU A 64 1.12 13.44 -10.31
CA GLU A 64 0.09 14.48 -10.61
C GLU A 64 0.74 15.57 -11.46
N TRP A 65 -0.04 16.22 -12.32
CA TRP A 65 0.51 17.27 -13.21
C TRP A 65 -0.28 18.57 -13.03
N TYR A 66 0.41 19.65 -12.66
CA TYR A 66 -0.26 20.96 -12.42
C TYR A 66 -0.08 21.83 -13.67
N PHE A 67 -1.15 22.49 -14.13
CA PHE A 67 -1.09 23.32 -15.37
C PHE A 67 -2.00 24.54 -15.29
N PHE A 68 -1.52 25.72 -15.70
CA PHE A 68 -2.40 26.92 -15.78
C PHE A 68 -3.21 26.82 -17.07
N CYS A 69 -4.42 27.38 -17.09
CA CYS A 69 -5.28 27.30 -18.31
C CYS A 69 -6.18 28.54 -18.40
N VAL A 70 -6.61 28.89 -19.62
CA VAL A 70 -7.52 30.06 -19.80
C VAL A 70 -8.91 29.51 -20.10
N ARG A 71 -9.86 29.66 -19.18
CA ARG A 71 -11.26 29.24 -19.43
C ARG A 71 -11.84 30.11 -20.54
N ASP A 72 -12.39 29.49 -21.58
CA ASP A 72 -12.99 30.24 -22.70
C ASP A 72 -14.51 30.09 -22.61
N ARG A 73 -15.25 31.18 -22.84
CA ARG A 73 -16.73 31.13 -22.81
C ARG A 73 -17.21 30.26 -23.97
N LYS A 74 -18.01 29.22 -23.69
CA LYS A 74 -18.53 28.33 -24.76
C LYS A 74 -19.33 29.16 -25.76
N TYR A 75 -20.35 29.87 -25.28
CA TYR A 75 -21.21 30.64 -26.21
C TYR A 75 -20.91 32.12 -26.03
N PRO A 76 -21.18 33.04 -27.00
CA PRO A 76 -20.96 34.47 -26.76
C PRO A 76 -21.70 34.98 -25.52
N THR A 77 -22.98 34.61 -25.38
CA THR A 77 -23.79 35.07 -24.22
C THR A 77 -24.04 33.89 -23.28
N GLY A 78 -23.33 32.78 -23.47
CA GLY A 78 -23.60 31.57 -22.69
C GLY A 78 -23.36 31.77 -21.21
N LEU A 79 -22.39 32.59 -20.82
CA LEU A 79 -22.01 32.70 -19.39
C LEU A 79 -21.66 31.28 -18.93
N ARG A 80 -21.12 30.46 -19.84
CA ARG A 80 -20.68 29.08 -19.50
C ARG A 80 -19.21 28.92 -19.91
N THR A 81 -18.66 27.71 -19.81
CA THR A 81 -17.23 27.54 -20.11
C THR A 81 -17.04 26.43 -21.14
N ASN A 82 -16.25 26.67 -22.18
CA ASN A 82 -15.95 25.64 -23.21
C ASN A 82 -15.11 24.54 -22.57
N ARG A 83 -15.73 23.38 -22.34
CA ARG A 83 -15.00 22.21 -21.76
C ARG A 83 -14.95 21.12 -22.82
N ALA A 84 -14.88 21.50 -24.09
CA ALA A 84 -14.85 20.51 -25.20
C ALA A 84 -13.44 20.38 -25.77
N THR A 85 -13.02 19.18 -26.13
CA THR A 85 -11.67 18.97 -26.72
C THR A 85 -11.81 18.29 -28.08
N GLU A 86 -10.71 18.05 -28.77
CA GLU A 86 -10.80 17.29 -30.03
C GLU A 86 -11.34 15.90 -29.69
N ALA A 87 -10.69 15.18 -28.79
CA ALA A 87 -11.11 13.79 -28.48
C ALA A 87 -12.44 13.74 -27.72
N GLY A 88 -12.56 14.42 -26.59
CA GLY A 88 -13.81 14.29 -25.80
C GLY A 88 -14.18 15.57 -25.07
N TYR A 89 -14.81 15.44 -23.91
CA TYR A 89 -15.28 16.65 -23.17
C TYR A 89 -15.11 16.46 -21.66
N TRP A 90 -14.53 17.45 -20.99
CA TRP A 90 -14.42 17.40 -19.50
C TRP A 90 -15.81 17.63 -18.91
N LYS A 91 -16.22 16.84 -17.93
CA LYS A 91 -17.60 16.96 -17.38
C LYS A 91 -17.56 17.24 -15.88
N ALA A 92 -18.22 18.31 -15.43
CA ALA A 92 -18.20 18.69 -13.99
C ALA A 92 -18.99 17.67 -13.15
N THR A 93 -18.45 17.27 -12.00
CA THR A 93 -19.10 16.24 -11.15
C THR A 93 -19.14 16.69 -9.69
N GLY A 94 -20.32 16.67 -9.06
CA GLY A 94 -20.41 16.99 -7.62
C GLY A 94 -20.39 18.47 -7.32
N LYS A 95 -20.55 18.83 -6.04
CA LYS A 95 -20.58 20.26 -5.64
C LYS A 95 -19.16 20.81 -5.53
N ASP A 96 -18.98 22.13 -5.67
CA ASP A 96 -17.63 22.77 -5.58
C ASP A 96 -17.16 22.80 -4.12
N LYS A 97 -15.86 23.00 -3.90
CA LYS A 97 -15.28 23.03 -2.53
C LYS A 97 -14.70 24.40 -2.24
N GLU A 98 -15.11 25.04 -1.13
CA GLU A 98 -14.66 26.41 -0.81
C GLU A 98 -13.21 26.40 -0.30
N ILE A 99 -12.40 27.39 -0.70
CA ILE A 99 -11.00 27.51 -0.23
C ILE A 99 -10.91 28.77 0.62
N PHE A 100 -10.63 28.63 1.91
CA PHE A 100 -10.68 29.82 2.81
C PHE A 100 -9.31 30.18 3.35
N LYS A 101 -8.94 31.46 3.28
CA LYS A 101 -7.67 31.92 3.90
C LYS A 101 -8.09 32.63 5.19
N GLY A 102 -7.82 32.03 6.34
CA GLY A 102 -8.32 32.61 7.60
C GLY A 102 -9.83 32.54 7.63
N LYS A 103 -10.50 33.69 7.72
CA LYS A 103 -11.99 33.72 7.74
C LYS A 103 -12.50 34.31 6.42
N SER A 104 -11.65 34.36 5.40
CA SER A 104 -12.04 34.98 4.11
C SER A 104 -11.98 33.96 2.98
N LEU A 105 -13.09 33.75 2.26
CA LEU A 105 -13.11 32.81 1.11
C LEU A 105 -12.24 33.38 -0.01
N VAL A 106 -11.22 32.63 -0.46
CA VAL A 106 -10.28 33.19 -1.48
C VAL A 106 -10.32 32.35 -2.77
N GLY A 107 -10.93 31.17 -2.74
CA GLY A 107 -10.89 30.32 -3.94
C GLY A 107 -11.99 29.27 -3.95
N MET A 108 -12.11 28.53 -5.07
CA MET A 108 -13.15 27.47 -5.18
C MET A 108 -12.56 26.34 -6.03
N LYS A 109 -12.82 25.09 -5.65
CA LYS A 109 -12.28 23.92 -6.41
C LYS A 109 -13.43 23.18 -7.11
N LYS A 110 -13.25 22.88 -8.40
CA LYS A 110 -14.27 22.09 -9.14
C LYS A 110 -13.62 20.79 -9.61
N THR A 111 -14.33 19.66 -9.49
CA THR A 111 -13.78 18.36 -9.93
C THR A 111 -14.39 18.00 -11.29
N LEU A 112 -13.55 17.64 -12.26
CA LEU A 112 -14.05 17.33 -13.63
C LEU A 112 -13.53 15.95 -14.06
N VAL A 113 -14.39 15.12 -14.67
CA VAL A 113 -13.97 13.79 -15.18
C VAL A 113 -14.08 13.79 -16.70
N PHE A 114 -13.05 13.32 -17.39
CA PHE A 114 -13.04 13.38 -18.88
C PHE A 114 -13.91 12.26 -19.47
N TYR A 115 -14.68 12.59 -20.52
CA TYR A 115 -15.47 11.56 -21.24
C TYR A 115 -15.02 11.62 -22.71
N LYS A 116 -14.74 10.48 -23.34
CA LYS A 116 -14.19 10.49 -24.72
C LYS A 116 -15.33 10.68 -25.73
N GLY A 117 -16.59 10.62 -25.27
CA GLY A 117 -17.71 10.66 -26.23
C GLY A 117 -17.74 11.93 -27.05
N ARG A 118 -17.39 13.09 -26.48
CA ARG A 118 -17.56 14.38 -27.20
C ARG A 118 -19.04 14.48 -27.58
N ALA A 119 -19.89 13.72 -26.89
CA ALA A 119 -21.34 13.70 -27.21
C ALA A 119 -22.09 13.32 -25.93
N PRO A 120 -23.46 13.35 -25.87
CA PRO A 120 -24.19 12.88 -24.68
C PRO A 120 -23.81 11.40 -24.43
N LYS A 121 -23.39 10.70 -25.48
CA LYS A 121 -22.95 9.29 -25.32
C LYS A 121 -21.48 9.28 -24.88
N GLY A 122 -21.17 10.00 -23.79
CA GLY A 122 -19.77 10.09 -23.32
C GLY A 122 -19.26 8.76 -22.79
N VAL A 123 -17.98 8.47 -23.02
CA VAL A 123 -17.35 7.22 -22.49
C VAL A 123 -16.54 7.63 -21.27
N LYS A 124 -16.94 7.19 -20.06
CA LYS A 124 -16.23 7.63 -18.82
C LYS A 124 -14.75 7.24 -18.90
N THR A 125 -13.85 8.14 -18.50
CA THR A 125 -12.40 7.78 -18.42
C THR A 125 -11.93 7.92 -16.97
N ASN A 126 -10.69 7.54 -16.69
CA ASN A 126 -10.16 7.61 -15.30
C ASN A 126 -9.42 8.93 -15.10
N TRP A 127 -9.32 9.74 -16.15
CA TRP A 127 -8.67 11.08 -16.03
C TRP A 127 -9.57 12.02 -15.21
N VAL A 128 -9.05 12.56 -14.10
CA VAL A 128 -9.82 13.49 -13.24
C VAL A 128 -9.02 14.80 -13.10
N MET A 129 -9.68 15.95 -13.21
CA MET A 129 -8.97 17.25 -13.15
C MET A 129 -9.56 18.11 -12.04
N HIS A 130 -8.70 18.62 -11.14
CA HIS A 130 -9.18 19.53 -10.07
C HIS A 130 -8.92 20.96 -10.51
N GLU A 131 -9.96 21.63 -11.03
CA GLU A 131 -9.83 23.04 -11.49
C GLU A 131 -9.94 23.97 -10.28
N TYR A 132 -8.89 24.75 -10.00
CA TYR A 132 -8.97 25.75 -8.90
C TYR A 132 -9.23 27.12 -9.52
N ARG A 133 -10.18 27.88 -8.99
CA ARG A 133 -10.54 29.18 -9.61
C ARG A 133 -10.56 30.29 -8.55
N LEU A 134 -10.21 31.52 -8.94
CA LEU A 134 -10.22 32.67 -7.98
C LEU A 134 -11.67 33.09 -7.72
N GLU A 135 -12.10 33.07 -6.45
CA GLU A 135 -13.47 33.51 -6.09
C GLU A 135 -13.42 34.25 -4.75
N GLY A 136 -14.59 34.52 -4.16
CA GLY A 136 -14.67 35.13 -2.82
C GLY A 136 -14.05 36.50 -2.71
N LYS A 137 -12.98 36.63 -1.93
CA LYS A 137 -12.29 37.93 -1.75
C LYS A 137 -11.79 38.39 -3.12
N TYR A 138 -11.64 37.45 -4.05
CA TYR A 138 -11.14 37.79 -5.40
C TYR A 138 -12.22 37.45 -6.44
N CYS A 139 -13.48 37.77 -6.14
CA CYS A 139 -14.57 37.54 -7.11
C CYS A 139 -14.42 38.55 -8.25
N ILE A 140 -14.78 38.16 -9.48
CA ILE A 140 -14.60 39.04 -10.67
C ILE A 140 -15.25 40.41 -10.42
N GLU A 141 -16.26 40.47 -9.56
CA GLU A 141 -17.00 41.74 -9.33
C GLU A 141 -16.05 42.78 -8.73
N ASN A 142 -15.09 42.32 -7.90
CA ASN A 142 -14.15 43.26 -7.23
C ASN A 142 -12.73 43.02 -7.75
N LEU A 143 -12.60 42.66 -9.04
CA LEU A 143 -11.25 42.42 -9.64
C LEU A 143 -10.90 43.58 -10.57
N PRO A 144 -9.64 44.10 -10.61
CA PRO A 144 -9.32 45.29 -11.41
C PRO A 144 -9.13 45.03 -12.90
N GLN A 145 -10.18 44.54 -13.58
CA GLN A 145 -10.13 44.30 -15.04
C GLN A 145 -8.98 43.33 -15.36
N THR A 146 -8.63 42.43 -14.45
CA THR A 146 -7.58 41.43 -14.75
C THR A 146 -8.24 40.14 -15.22
N ALA A 147 -7.50 39.17 -15.76
CA ALA A 147 -8.15 37.96 -16.35
C ALA A 147 -8.52 36.90 -15.30
N LYS A 148 -9.23 37.30 -14.24
CA LYS A 148 -9.54 36.38 -13.10
C LYS A 148 -10.34 35.16 -13.54
N ASN A 149 -11.57 35.37 -14.01
CA ASN A 149 -12.44 34.23 -14.43
C ASN A 149 -11.68 33.41 -15.46
N GLU A 150 -10.93 34.08 -16.35
CA GLU A 150 -10.22 33.36 -17.44
C GLU A 150 -9.15 32.44 -16.84
N TRP A 151 -8.12 33.00 -16.21
CA TRP A 151 -6.98 32.17 -15.70
C TRP A 151 -7.43 31.24 -14.58
N VAL A 152 -7.15 29.93 -14.73
CA VAL A 152 -7.49 28.92 -13.68
C VAL A 152 -6.38 27.86 -13.61
N ILE A 153 -5.97 27.45 -12.41
CA ILE A 153 -4.96 26.35 -12.26
C ILE A 153 -5.69 25.01 -12.32
N CYS A 154 -5.07 23.99 -12.89
CA CYS A 154 -5.74 22.67 -13.05
C CYS A 154 -4.77 21.54 -12.67
N ARG A 155 -5.18 20.69 -11.73
CA ARG A 155 -4.35 19.51 -11.35
C ARG A 155 -4.95 18.28 -12.03
N VAL A 156 -4.22 17.66 -12.95
CA VAL A 156 -4.77 16.49 -13.70
C VAL A 156 -4.09 15.22 -13.18
N PHE A 157 -4.86 14.14 -12.97
CA PHE A 157 -4.29 12.85 -12.53
C PHE A 157 -5.17 11.73 -13.10
N GLN A 158 -4.70 10.49 -13.04
CA GLN A 158 -5.52 9.34 -13.53
C GLN A 158 -5.80 8.40 -12.35
N LYS A 159 -7.08 8.10 -12.10
CA LYS A 159 -7.46 7.20 -10.98
C LYS A 159 -6.72 5.87 -11.12
N ASP B 8 16.32 26.76 0.18
CA ASP B 8 14.88 26.83 0.58
C ASP B 8 14.03 26.13 -0.48
N LEU B 9 12.72 26.00 -0.23
CA LEU B 9 11.81 25.30 -1.18
C LEU B 9 10.72 26.28 -1.64
N PRO B 10 10.33 26.34 -2.94
CA PRO B 10 9.20 27.20 -3.35
C PRO B 10 7.95 26.79 -2.59
N PRO B 11 6.94 27.67 -2.35
CA PRO B 11 5.77 27.28 -1.55
C PRO B 11 5.07 26.05 -2.14
N GLY B 12 4.57 25.16 -1.28
CA GLY B 12 3.85 23.97 -1.76
C GLY B 12 4.78 22.77 -1.83
N PHE B 13 6.07 22.98 -2.13
CA PHE B 13 7.04 21.86 -2.10
C PHE B 13 7.22 21.39 -0.65
N ARG B 14 6.89 20.13 -0.36
CA ARG B 14 6.99 19.63 1.04
C ARG B 14 7.41 18.16 1.01
N PHE B 15 7.51 17.55 2.19
CA PHE B 15 7.81 16.11 2.26
C PHE B 15 6.48 15.37 2.20
N HIS B 16 6.05 14.97 1.00
CA HIS B 16 4.81 14.18 0.84
C HIS B 16 5.20 12.86 0.17
N PRO B 17 5.85 11.88 0.84
CA PRO B 17 6.31 10.67 0.15
C PRO B 17 5.23 9.60 -0.04
N THR B 18 5.36 8.77 -1.08
CA THR B 18 4.39 7.68 -1.31
C THR B 18 4.61 6.60 -0.24
N ASP B 19 3.66 5.68 -0.10
CA ASP B 19 3.81 4.57 0.88
C ASP B 19 5.14 3.87 0.62
N GLU B 20 5.39 3.49 -0.65
CA GLU B 20 6.63 2.74 -1.01
C GLU B 20 7.87 3.60 -0.74
N GLU B 21 7.80 4.89 -1.07
CA GLU B 21 8.98 5.78 -0.90
C GLU B 21 9.43 5.75 0.56
N LEU B 22 8.48 5.72 1.50
CA LEU B 22 8.83 5.70 2.94
C LEU B 22 9.61 4.42 3.25
N ILE B 23 9.05 3.26 2.92
CA ILE B 23 9.72 1.97 3.26
C ILE B 23 11.06 1.87 2.53
N THR B 24 11.06 2.00 1.21
CA THR B 24 12.29 1.78 0.41
C THR B 24 13.38 2.83 0.66
N HIS B 25 13.04 4.12 0.67
CA HIS B 25 14.10 5.16 0.77
C HIS B 25 14.45 5.52 2.22
N TYR B 26 13.58 5.23 3.18
CA TYR B 26 13.89 5.68 4.58
C TYR B 26 13.96 4.52 5.56
N LEU B 27 12.90 3.73 5.69
CA LEU B 27 12.89 2.65 6.72
C LEU B 27 13.93 1.58 6.40
N LYS B 28 13.93 1.08 5.16
CA LYS B 28 14.86 -0.02 4.76
C LYS B 28 16.31 0.32 5.11
N PRO B 29 16.93 1.45 4.65
CA PRO B 29 18.33 1.72 4.96
C PRO B 29 18.58 1.75 6.48
N LYS B 30 17.66 2.34 7.24
CA LYS B 30 17.83 2.43 8.71
C LYS B 30 17.83 1.01 9.30
N VAL B 31 16.93 0.14 8.84
CA VAL B 31 16.96 -1.27 9.32
C VAL B 31 18.26 -1.95 8.87
N PHE B 32 18.54 -1.96 7.57
CA PHE B 32 19.76 -2.61 7.03
C PHE B 32 21.02 -2.00 7.68
N ASN B 33 21.30 -0.74 7.37
CA ASN B 33 22.45 -0.03 7.99
C ASN B 33 21.95 0.73 9.22
N THR B 34 22.19 0.19 10.42
CA THR B 34 21.67 0.82 11.66
C THR B 34 22.10 2.29 11.73
N PHE B 35 21.16 3.18 12.06
CA PHE B 35 21.45 4.63 12.18
C PHE B 35 22.11 5.12 10.87
N PHE B 36 21.56 4.71 9.73
CA PHE B 36 22.10 5.14 8.41
C PHE B 36 23.63 5.04 8.43
N THR B 39 19.22 10.99 8.12
CA THR B 39 19.23 11.71 6.82
C THR B 39 18.28 12.91 6.90
N ALA B 40 18.34 13.67 8.00
CA ALA B 40 17.45 14.84 8.23
C ALA B 40 16.00 14.42 8.41
N ILE B 41 15.70 13.12 8.33
CA ILE B 41 14.30 12.63 8.44
C ILE B 41 13.80 12.86 9.88
N GLY B 42 14.68 12.71 10.88
CA GLY B 42 14.29 12.98 12.29
C GLY B 42 13.89 11.72 13.04
N GLU B 43 14.37 11.55 14.27
CA GLU B 43 14.08 10.34 15.09
C GLU B 43 13.59 10.74 16.47
N VAL B 44 12.65 9.98 17.06
CA VAL B 44 12.14 10.26 18.44
C VAL B 44 11.88 8.95 19.20
N ASP B 45 11.98 8.97 20.53
CA ASP B 45 11.82 7.72 21.32
C ASP B 45 10.38 7.22 21.19
N LEU B 46 9.41 8.14 21.19
CA LEU B 46 7.97 7.78 21.14
C LEU B 46 7.62 6.93 22.36
N ASN B 47 8.48 6.98 23.38
CA ASN B 47 8.22 6.23 24.64
C ASN B 47 7.82 7.24 25.71
N LYS B 48 6.56 7.21 26.15
CA LYS B 48 6.07 8.16 27.19
C LYS B 48 6.22 9.60 26.71
N ILE B 49 5.94 9.87 25.43
CA ILE B 49 6.00 11.26 24.89
C ILE B 49 4.61 11.65 24.41
N GLU B 50 4.04 12.72 24.95
CA GLU B 50 2.66 13.15 24.57
C GLU B 50 2.64 13.63 23.12
N PRO B 51 1.61 13.31 22.28
CA PRO B 51 1.62 13.66 20.86
C PRO B 51 1.55 15.18 20.63
N TRP B 52 0.87 15.91 21.51
CA TRP B 52 0.81 17.39 21.40
C TRP B 52 2.18 17.99 21.72
N ASP B 53 2.99 17.27 22.49
CA ASP B 53 4.36 17.75 22.85
C ASP B 53 5.38 17.19 21.86
N LEU B 54 4.95 16.31 20.96
CA LEU B 54 5.86 15.69 19.95
C LEU B 54 6.54 16.77 19.09
N PRO B 55 5.85 17.79 18.53
CA PRO B 55 6.51 18.76 17.66
C PRO B 55 7.64 19.47 18.41
N TRP B 56 7.42 19.82 19.68
CA TRP B 56 8.48 20.48 20.50
C TRP B 56 9.72 19.57 20.54
N LYS B 59 11.13 20.08 13.25
CA LYS B 59 9.83 19.57 12.74
C LYS B 59 9.96 19.32 11.23
N MET B 60 9.66 18.11 10.77
CA MET B 60 9.65 17.85 9.30
C MET B 60 8.64 18.80 8.67
N GLY B 61 7.39 18.76 9.15
CA GLY B 61 6.35 19.67 8.64
C GLY B 61 5.35 20.05 9.72
N GLU B 62 4.91 21.31 9.74
CA GLU B 62 3.87 21.72 10.73
C GLU B 62 2.54 21.08 10.34
N LYS B 63 2.36 20.75 9.06
CA LYS B 63 1.13 20.02 8.63
C LYS B 63 1.14 18.62 9.24
N GLU B 64 2.10 17.78 8.84
CA GLU B 64 2.21 16.40 9.36
C GLU B 64 3.63 16.18 9.88
N TRP B 65 3.77 15.55 11.04
CA TRP B 65 5.12 15.28 11.61
C TRP B 65 5.50 13.82 11.29
N TYR B 66 6.65 13.63 10.63
CA TYR B 66 7.15 12.27 10.33
C TYR B 66 8.32 11.96 11.28
N PHE B 67 8.24 10.86 12.04
CA PHE B 67 9.30 10.54 13.05
C PHE B 67 9.58 9.04 13.11
N PHE B 68 10.78 8.64 13.53
CA PHE B 68 11.13 7.21 13.67
C PHE B 68 10.64 6.69 15.03
N CYS B 69 10.53 5.37 15.18
CA CYS B 69 10.01 4.79 16.45
C CYS B 69 10.61 3.41 16.69
N VAL B 70 10.85 3.05 17.96
CA VAL B 70 11.40 1.71 18.30
C VAL B 70 10.33 0.91 19.05
N ARG B 71 9.58 0.08 18.32
CA ARG B 71 8.49 -0.73 18.93
C ARG B 71 9.09 -1.72 19.93
N ASP B 72 8.67 -1.64 21.20
CA ASP B 72 9.16 -2.59 22.24
C ASP B 72 7.98 -3.42 22.73
N ARG B 73 8.20 -4.69 23.05
CA ARG B 73 7.08 -5.60 23.47
C ARG B 73 6.57 -5.23 24.87
N LYS B 74 5.26 -5.06 25.02
CA LYS B 74 4.65 -4.75 26.34
C LYS B 74 4.95 -5.91 27.29
N TYR B 75 4.61 -7.13 26.86
CA TYR B 75 4.81 -8.32 27.72
C TYR B 75 6.05 -9.06 27.23
N PRO B 76 6.93 -9.63 28.09
CA PRO B 76 8.07 -10.41 27.60
C PRO B 76 7.63 -11.62 26.76
N THR B 77 6.57 -12.31 27.17
CA THR B 77 6.08 -13.50 26.42
C THR B 77 4.94 -13.08 25.49
N GLY B 78 4.31 -11.94 25.76
CA GLY B 78 3.13 -11.56 24.95
C GLY B 78 3.48 -11.30 23.51
N LEU B 79 4.62 -10.65 23.25
CA LEU B 79 5.04 -10.27 21.87
C LEU B 79 4.13 -9.15 21.36
N ARG B 80 3.08 -8.81 22.12
CA ARG B 80 2.20 -7.67 21.76
C ARG B 80 2.99 -6.38 21.99
N THR B 81 3.00 -5.46 21.02
CA THR B 81 3.83 -4.23 21.16
C THR B 81 3.19 -3.23 22.12
N ASN B 82 4.01 -2.50 22.89
CA ASN B 82 3.49 -1.51 23.89
C ASN B 82 3.06 -0.22 23.21
N ARG B 83 1.79 0.17 23.38
CA ARG B 83 1.27 1.42 22.77
C ARG B 83 0.72 2.31 23.89
N ALA B 84 1.28 2.20 25.10
CA ALA B 84 0.74 2.96 26.25
C ALA B 84 1.63 4.16 26.58
N THR B 85 1.02 5.33 26.84
CA THR B 85 1.81 6.51 27.27
C THR B 85 1.23 6.95 28.62
N GLU B 86 1.90 7.88 29.31
CA GLU B 86 1.29 8.40 30.56
C GLU B 86 -0.01 9.10 30.20
N ALA B 87 -0.05 9.82 29.07
CA ALA B 87 -1.24 10.62 28.71
C ALA B 87 -2.38 9.76 28.12
N GLY B 88 -2.08 8.59 27.57
CA GLY B 88 -3.14 7.79 26.95
C GLY B 88 -2.63 6.54 26.25
N TYR B 89 -3.33 6.09 25.21
CA TYR B 89 -2.91 4.86 24.48
C TYR B 89 -3.23 5.01 22.99
N TRP B 90 -2.47 4.34 22.14
CA TRP B 90 -2.75 4.37 20.67
C TRP B 90 -3.57 3.12 20.31
N LYS B 91 -4.78 3.32 19.76
CA LYS B 91 -5.68 2.18 19.46
C LYS B 91 -5.72 1.94 17.95
N ALA B 92 -5.29 0.77 17.50
CA ALA B 92 -5.28 0.44 16.05
C ALA B 92 -6.72 0.37 15.55
N THR B 93 -6.97 0.92 14.36
CA THR B 93 -8.36 0.93 13.80
C THR B 93 -8.40 0.14 12.49
N GLY B 94 -9.46 -0.64 12.28
CA GLY B 94 -9.63 -1.35 10.99
C GLY B 94 -8.53 -2.34 10.67
N LYS B 95 -8.06 -2.37 9.42
CA LYS B 95 -7.03 -3.36 9.00
C LYS B 95 -5.81 -2.64 8.39
N ASP B 96 -4.72 -3.37 8.16
CA ASP B 96 -3.47 -2.75 7.64
C ASP B 96 -3.55 -2.55 6.13
N LYS B 97 -2.61 -1.78 5.55
CA LYS B 97 -2.60 -1.50 4.09
C LYS B 97 -1.29 -2.01 3.48
N GLU B 98 -1.38 -2.74 2.37
CA GLU B 98 -0.19 -3.33 1.72
C GLU B 98 0.62 -2.27 0.96
N ILE B 99 1.94 -2.40 0.96
CA ILE B 99 2.84 -1.45 0.23
C ILE B 99 3.66 -2.29 -0.75
N PHE B 100 3.43 -2.12 -2.06
CA PHE B 100 4.09 -3.01 -3.05
C PHE B 100 4.98 -2.24 -4.03
N LYS B 101 6.28 -2.57 -4.06
CA LYS B 101 7.18 -1.97 -5.08
C LYS B 101 7.12 -2.93 -6.26
N GLY B 102 6.04 -2.87 -7.04
CA GLY B 102 5.85 -3.82 -8.15
C GLY B 102 4.99 -4.98 -7.67
N LYS B 103 5.41 -6.22 -7.95
CA LYS B 103 4.65 -7.41 -7.54
C LYS B 103 5.25 -7.95 -6.23
N SER B 104 6.15 -7.17 -5.63
CA SER B 104 6.84 -7.63 -4.38
C SER B 104 6.32 -6.84 -3.17
N LEU B 105 5.68 -7.51 -2.22
CA LEU B 105 5.19 -6.84 -0.99
C LEU B 105 6.38 -6.37 -0.16
N VAL B 106 6.49 -5.07 0.12
CA VAL B 106 7.69 -4.56 0.87
C VAL B 106 7.31 -4.05 2.26
N GLY B 107 6.09 -3.53 2.45
CA GLY B 107 5.76 -2.97 3.77
C GLY B 107 4.27 -3.04 4.10
N MET B 108 3.91 -2.72 5.35
CA MET B 108 2.49 -2.70 5.77
C MET B 108 2.24 -1.42 6.58
N LYS B 109 1.10 -0.76 6.37
CA LYS B 109 0.79 0.50 7.10
C LYS B 109 -0.35 0.23 8.09
N LYS B 110 -0.13 0.54 9.37
CA LYS B 110 -1.19 0.37 10.39
C LYS B 110 -1.65 1.77 10.83
N THR B 111 -2.96 1.99 10.88
CA THR B 111 -3.50 3.30 11.33
C THR B 111 -3.89 3.20 12.80
N LEU B 112 -3.37 4.11 13.63
CA LEU B 112 -3.71 4.10 15.08
C LEU B 112 -4.29 5.46 15.46
N VAL B 113 -5.37 5.46 16.25
CA VAL B 113 -5.98 6.74 16.73
C VAL B 113 -5.67 6.88 18.23
N PHE B 114 -5.13 8.03 18.64
CA PHE B 114 -4.75 8.19 20.06
C PHE B 114 -6.02 8.28 20.90
N TYR B 115 -6.05 7.55 22.01
CA TYR B 115 -7.21 7.63 22.95
C TYR B 115 -6.68 8.11 24.30
N LYS B 116 -7.01 9.34 24.71
CA LYS B 116 -6.51 9.89 25.99
C LYS B 116 -7.18 9.16 27.17
N GLY B 117 -6.60 9.27 28.37
CA GLY B 117 -7.19 8.60 29.55
C GLY B 117 -6.38 7.40 30.01
N ARG B 118 -5.79 6.65 29.07
CA ARG B 118 -5.04 5.40 29.41
C ARG B 118 -5.91 4.53 30.32
N ALA B 119 -7.12 4.21 29.87
CA ALA B 119 -8.06 3.42 30.69
C ALA B 119 -8.67 2.34 29.79
N PRO B 120 -9.43 1.33 30.30
CA PRO B 120 -10.11 0.37 29.40
C PRO B 120 -10.96 1.16 28.40
N LYS B 121 -11.61 2.23 28.87
CA LYS B 121 -12.47 3.05 27.98
C LYS B 121 -12.00 4.51 28.01
N GLY B 122 -10.85 4.80 27.41
CA GLY B 122 -10.33 6.18 27.38
C GLY B 122 -11.06 7.04 26.37
N VAL B 123 -11.12 8.35 26.60
CA VAL B 123 -11.80 9.30 25.66
C VAL B 123 -10.95 9.45 24.39
N LYS B 124 -11.56 9.35 23.21
CA LYS B 124 -10.80 9.42 21.93
C LYS B 124 -10.31 10.85 21.67
N THR B 125 -9.31 11.01 20.80
CA THR B 125 -8.88 12.38 20.41
C THR B 125 -8.67 12.41 18.89
N ASN B 126 -8.34 13.58 18.34
CA ASN B 126 -8.22 13.70 16.86
C ASN B 126 -6.80 13.35 16.40
N TRP B 127 -5.94 12.95 17.33
CA TRP B 127 -4.57 12.51 16.94
C TRP B 127 -4.63 11.18 16.18
N VAL B 128 -4.15 11.16 14.94
CA VAL B 128 -4.14 9.91 14.11
C VAL B 128 -2.70 9.66 13.64
N MET B 129 -2.21 8.42 13.77
CA MET B 129 -0.80 8.11 13.39
C MET B 129 -0.79 6.97 12.37
N HIS B 130 -0.16 7.18 11.22
CA HIS B 130 -0.01 6.09 10.21
C HIS B 130 1.35 5.45 10.44
N GLU B 131 1.38 4.24 11.01
CA GLU B 131 2.65 3.55 11.30
C GLU B 131 3.04 2.67 10.12
N TYR B 132 4.15 2.97 9.45
CA TYR B 132 4.64 2.16 8.31
C TYR B 132 5.72 1.21 8.83
N ARG B 133 5.61 -0.09 8.53
CA ARG B 133 6.59 -1.08 9.06
C ARG B 133 7.17 -1.92 7.91
N LEU B 134 8.36 -2.49 8.09
CA LEU B 134 8.99 -3.34 7.04
C LEU B 134 8.52 -4.79 7.19
N GLU B 135 7.20 -5.04 7.14
CA GLU B 135 6.66 -6.40 7.38
C GLU B 135 6.99 -7.32 6.20
N GLY B 136 7.15 -6.77 5.00
CA GLY B 136 7.40 -7.61 3.82
C GLY B 136 8.63 -8.50 3.96
N LYS B 137 9.70 -7.97 4.54
CA LYS B 137 10.97 -8.75 4.67
C LYS B 137 11.25 -9.04 6.13
N TYR B 138 10.29 -8.79 7.03
CA TYR B 138 10.54 -8.96 8.48
C TYR B 138 10.77 -10.44 8.81
N CYS B 139 9.94 -11.33 8.28
CA CYS B 139 10.02 -12.77 8.63
C CYS B 139 11.42 -13.33 8.38
N ILE B 140 12.03 -12.98 7.24
CA ILE B 140 13.35 -13.59 6.87
C ILE B 140 14.48 -13.02 7.75
N GLU B 141 14.27 -11.86 8.36
CA GLU B 141 15.34 -11.22 9.16
C GLU B 141 16.64 -11.30 8.35
N ASN B 142 16.62 -10.76 7.13
CA ASN B 142 17.83 -10.78 6.26
C ASN B 142 19.03 -10.35 7.10
N LEU B 143 18.88 -9.25 7.83
CA LEU B 143 19.97 -8.79 8.74
C LEU B 143 19.55 -9.17 10.16
N PRO B 144 20.22 -10.13 10.86
CA PRO B 144 19.77 -10.54 12.19
C PRO B 144 20.34 -9.55 13.21
N GLN B 145 19.71 -8.37 13.31
CA GLN B 145 20.16 -7.33 14.27
C GLN B 145 20.00 -7.86 15.71
N THR B 146 21.12 -8.01 16.43
CA THR B 146 21.08 -8.50 17.83
C THR B 146 20.52 -7.39 18.73
N ALA B 147 20.32 -6.20 18.15
CA ALA B 147 19.85 -5.05 18.94
C ALA B 147 18.42 -5.31 19.41
N LYS B 148 17.73 -6.28 18.78
CA LYS B 148 16.33 -6.60 19.13
C LYS B 148 15.49 -5.33 19.09
N ASN B 149 15.77 -4.46 18.11
CA ASN B 149 15.04 -3.16 17.99
C ASN B 149 14.21 -3.17 16.71
N GLU B 150 12.89 -3.04 16.84
CA GLU B 150 12.01 -2.96 15.64
C GLU B 150 11.85 -1.49 15.27
N TRP B 151 12.42 -1.07 14.13
CA TRP B 151 12.35 0.36 13.71
C TRP B 151 11.18 0.57 12.77
N VAL B 152 10.38 1.63 13.00
CA VAL B 152 9.22 1.95 12.11
C VAL B 152 9.21 3.47 11.86
N ILE B 153 8.40 3.93 10.90
CA ILE B 153 8.25 5.39 10.63
C ILE B 153 6.77 5.75 10.79
N CYS B 154 6.48 6.89 11.41
CA CYS B 154 5.04 7.19 11.71
C CYS B 154 4.66 8.58 11.21
N ARG B 155 3.55 8.68 10.48
CA ARG B 155 3.04 10.00 10.02
C ARG B 155 2.01 10.46 11.06
N VAL B 156 2.41 11.31 12.00
CA VAL B 156 1.49 11.70 13.10
C VAL B 156 0.87 13.07 12.80
N PHE B 157 -0.47 13.15 12.80
CA PHE B 157 -1.16 14.44 12.56
C PHE B 157 -2.44 14.49 13.39
N GLN B 158 -2.88 15.70 13.77
CA GLN B 158 -4.13 15.85 14.55
C GLN B 158 -5.23 16.38 13.62
N LYS B 159 -5.67 15.56 12.66
CA LYS B 159 -6.69 16.00 11.68
C LYS B 159 -7.87 15.02 11.73
N ASP C 8 12.03 -17.24 -18.97
CA ASP C 8 10.99 -17.05 -17.93
C ASP C 8 11.63 -17.14 -16.55
N LEU C 9 12.50 -18.14 -16.34
CA LEU C 9 13.13 -18.34 -15.01
C LEU C 9 14.65 -18.25 -15.15
N PRO C 10 15.41 -17.48 -14.32
CA PRO C 10 16.87 -17.51 -14.38
C PRO C 10 17.34 -18.94 -14.07
N PRO C 11 18.48 -19.46 -14.60
CA PRO C 11 18.86 -20.86 -14.40
C PRO C 11 18.83 -21.32 -12.93
N GLY C 12 19.57 -20.65 -12.05
CA GLY C 12 19.66 -21.09 -10.64
C GLY C 12 18.38 -20.90 -9.85
N PHE C 13 17.56 -19.92 -10.23
CA PHE C 13 16.33 -19.61 -9.44
C PHE C 13 15.41 -20.84 -9.39
N ARG C 14 14.80 -21.12 -8.24
CA ARG C 14 13.83 -22.25 -8.17
C ARG C 14 12.79 -21.98 -7.07
N PHE C 15 12.08 -23.02 -6.64
CA PHE C 15 11.04 -22.86 -5.59
C PHE C 15 11.45 -23.60 -4.32
N HIS C 16 12.01 -22.88 -3.35
CA HIS C 16 12.39 -23.51 -2.06
C HIS C 16 11.73 -22.73 -0.92
N PRO C 17 10.42 -22.91 -0.60
CA PRO C 17 9.78 -22.07 0.43
C PRO C 17 10.04 -22.50 1.88
N THR C 18 10.22 -21.53 2.78
CA THR C 18 10.40 -21.86 4.22
C THR C 18 9.07 -22.42 4.74
N ASP C 19 9.11 -23.22 5.81
CA ASP C 19 7.87 -23.81 6.37
C ASP C 19 6.85 -22.70 6.61
N GLU C 20 7.24 -21.66 7.34
CA GLU C 20 6.30 -20.55 7.66
C GLU C 20 5.83 -19.89 6.36
N GLU C 21 6.76 -19.59 5.44
CA GLU C 21 6.40 -18.92 4.17
C GLU C 21 5.32 -19.75 3.44
N LEU C 22 5.53 -21.06 3.33
CA LEU C 22 4.58 -21.92 2.59
C LEU C 22 3.20 -21.83 3.23
N ILE C 23 3.10 -22.01 4.54
CA ILE C 23 1.77 -22.01 5.21
C ILE C 23 1.13 -20.63 5.05
N THR C 24 1.90 -19.56 5.27
CA THR C 24 1.33 -18.19 5.23
C THR C 24 0.85 -17.84 3.81
N HIS C 25 1.67 -18.11 2.78
CA HIS C 25 1.30 -17.65 1.41
C HIS C 25 0.50 -18.70 0.62
N TYR C 26 0.53 -19.97 1.02
CA TYR C 26 -0.15 -21.00 0.20
C TYR C 26 -1.31 -21.68 0.94
N LEU C 27 -1.06 -22.22 2.12
CA LEU C 27 -2.13 -22.99 2.82
C LEU C 27 -3.28 -22.06 3.23
N LYS C 28 -2.95 -20.91 3.82
CA LYS C 28 -3.99 -19.96 4.32
C LYS C 28 -5.01 -19.59 3.24
N PRO C 29 -4.64 -19.05 2.05
CA PRO C 29 -5.66 -18.68 1.07
C PRO C 29 -6.62 -19.84 0.80
N LYS C 30 -6.08 -21.06 0.65
CA LYS C 30 -6.94 -22.22 0.30
C LYS C 30 -7.94 -22.51 1.41
N VAL C 31 -7.52 -22.50 2.68
CA VAL C 31 -8.53 -22.82 3.73
C VAL C 31 -9.56 -21.67 3.79
N PHE C 32 -9.12 -20.42 3.80
CA PHE C 32 -10.04 -19.27 3.93
C PHE C 32 -10.91 -19.14 2.67
N ASN C 33 -10.28 -19.07 1.50
CA ASN C 33 -11.04 -18.92 0.22
C ASN C 33 -11.02 -20.27 -0.53
N THR C 34 -12.18 -20.93 -0.61
CA THR C 34 -12.25 -22.27 -1.26
C THR C 34 -11.89 -22.13 -2.74
N PHE C 35 -12.09 -20.96 -3.33
CA PHE C 35 -11.80 -20.75 -4.77
C PHE C 35 -10.39 -20.21 -4.96
N PHE C 36 -9.41 -20.74 -4.22
CA PHE C 36 -7.99 -20.31 -4.39
C PHE C 36 -7.34 -21.18 -5.47
N ALA C 40 1.05 -22.83 -8.95
CA ALA C 40 1.40 -24.00 -9.80
C ALA C 40 1.29 -25.29 -8.98
N ILE C 41 0.94 -25.18 -7.69
CA ILE C 41 0.76 -26.38 -6.83
C ILE C 41 -0.43 -27.18 -7.37
N GLY C 42 -0.36 -28.51 -7.35
CA GLY C 42 -1.44 -29.34 -7.90
C GLY C 42 -2.37 -29.86 -6.82
N GLU C 43 -3.68 -29.73 -7.00
CA GLU C 43 -4.65 -30.31 -6.02
C GLU C 43 -4.93 -31.76 -6.43
N VAL C 44 -4.38 -32.73 -5.70
CA VAL C 44 -4.56 -34.17 -6.07
C VAL C 44 -5.00 -34.97 -4.84
N ASP C 45 -5.46 -36.20 -5.05
CA ASP C 45 -5.84 -37.09 -3.92
C ASP C 45 -4.79 -38.19 -3.79
N LEU C 46 -3.77 -37.95 -2.96
CA LEU C 46 -2.64 -38.91 -2.80
C LEU C 46 -3.15 -40.22 -2.20
N ASN C 47 -4.39 -40.21 -1.69
CA ASN C 47 -4.97 -41.43 -1.09
C ASN C 47 -5.11 -42.50 -2.17
N LYS C 48 -5.19 -42.09 -3.44
CA LYS C 48 -5.35 -43.06 -4.55
C LYS C 48 -4.07 -43.12 -5.39
N ILE C 49 -3.50 -41.97 -5.76
CA ILE C 49 -2.31 -41.94 -6.67
C ILE C 49 -1.07 -42.49 -5.96
N GLU C 50 -0.33 -43.37 -6.63
CA GLU C 50 0.91 -43.97 -6.06
C GLU C 50 2.06 -42.96 -6.15
N PRO C 51 3.06 -42.95 -5.22
CA PRO C 51 4.11 -41.92 -5.21
C PRO C 51 5.02 -41.94 -6.44
N TRP C 52 5.28 -43.11 -7.01
CA TRP C 52 6.11 -43.19 -8.24
C TRP C 52 5.41 -42.49 -9.40
N ASP C 53 4.08 -42.46 -9.40
CA ASP C 53 3.31 -41.84 -10.51
C ASP C 53 3.25 -40.32 -10.34
N LEU C 54 3.52 -39.83 -9.12
CA LEU C 54 3.39 -38.38 -8.82
C LEU C 54 4.29 -37.46 -9.66
N PRO C 55 5.58 -37.78 -9.96
CA PRO C 55 6.38 -36.94 -10.86
C PRO C 55 5.58 -36.58 -12.12
N TRP C 56 4.96 -37.58 -12.76
CA TRP C 56 4.21 -37.33 -14.01
C TRP C 56 2.93 -36.54 -13.71
N LYS C 57 2.36 -36.74 -12.51
CA LYS C 57 1.11 -36.03 -12.13
C LYS C 57 1.41 -34.54 -11.94
N ALA C 58 2.68 -34.20 -11.73
CA ALA C 58 3.09 -32.78 -11.62
C ALA C 58 4.34 -32.58 -12.47
N LYS C 59 4.18 -32.51 -13.80
CA LYS C 59 5.32 -32.35 -14.73
C LYS C 59 6.05 -31.04 -14.40
N MET C 60 5.38 -30.14 -13.67
CA MET C 60 5.98 -28.84 -13.30
C MET C 60 7.24 -29.08 -12.46
N GLY C 61 7.12 -29.82 -11.35
CA GLY C 61 8.27 -30.07 -10.45
C GLY C 61 9.26 -31.06 -11.04
N GLU C 62 10.56 -30.84 -10.79
CA GLU C 62 11.60 -31.80 -11.25
C GLU C 62 12.23 -32.48 -10.03
N LYS C 63 12.91 -31.73 -9.17
CA LYS C 63 13.59 -32.33 -7.98
C LYS C 63 12.55 -32.76 -6.94
N GLU C 64 11.68 -31.84 -6.53
CA GLU C 64 10.65 -32.14 -5.50
C GLU C 64 9.28 -31.84 -6.10
N TRP C 65 8.22 -32.41 -5.52
CA TRP C 65 6.84 -32.20 -6.03
C TRP C 65 5.94 -31.74 -4.89
N TYR C 66 5.28 -30.58 -5.05
CA TYR C 66 4.39 -30.04 -3.99
C TYR C 66 2.94 -30.27 -4.39
N PHE C 67 2.10 -30.69 -3.45
CA PHE C 67 0.69 -31.02 -3.78
C PHE C 67 -0.27 -30.49 -2.71
N PHE C 68 -1.52 -30.23 -3.10
CA PHE C 68 -2.56 -29.81 -2.11
C PHE C 68 -3.53 -30.98 -1.99
N CYS C 69 -3.83 -31.44 -0.77
CA CYS C 69 -4.68 -32.65 -0.64
C CYS C 69 -5.75 -32.47 0.46
N VAL C 70 -6.94 -33.05 0.26
CA VAL C 70 -8.01 -33.00 1.29
C VAL C 70 -7.59 -33.90 2.45
N ARG C 71 -8.04 -33.59 3.67
CA ARG C 71 -7.67 -34.41 4.86
C ARG C 71 -8.02 -35.87 4.55
N ASP C 72 -9.21 -36.10 3.96
CA ASP C 72 -9.68 -37.48 3.64
C ASP C 72 -9.59 -38.34 4.91
N ARG C 73 -9.84 -37.74 6.08
CA ARG C 73 -9.83 -38.50 7.35
C ARG C 73 -11.04 -39.42 7.39
N LYS C 74 -10.96 -40.51 8.16
CA LYS C 74 -12.09 -41.47 8.29
C LYS C 74 -13.12 -40.88 9.26
N PRO C 76 -15.30 -42.93 9.26
CA PRO C 76 -16.50 -42.76 10.07
C PRO C 76 -16.16 -42.35 11.51
N THR C 77 -16.38 -43.25 12.48
CA THR C 77 -16.14 -42.91 13.91
C THR C 77 -14.63 -42.74 14.16
N GLY C 78 -13.81 -43.39 13.34
CA GLY C 78 -12.35 -43.35 13.56
C GLY C 78 -11.87 -41.92 13.73
N LEU C 79 -12.29 -41.03 12.83
CA LEU C 79 -11.80 -39.62 12.85
C LEU C 79 -10.27 -39.64 12.79
N ARG C 80 -9.69 -40.66 12.16
CA ARG C 80 -8.21 -40.72 11.98
C ARG C 80 -7.91 -40.59 10.49
N THR C 81 -6.85 -39.88 10.12
CA THR C 81 -6.55 -39.61 8.69
C THR C 81 -6.24 -40.91 7.95
N ASN C 82 -6.90 -41.15 6.81
CA ASN C 82 -6.60 -42.36 5.98
C ASN C 82 -5.22 -42.18 5.35
N ARG C 83 -4.29 -43.09 5.66
CA ARG C 83 -2.91 -43.00 5.11
C ARG C 83 -2.66 -44.22 4.21
N ALA C 84 -3.73 -44.83 3.68
CA ALA C 84 -3.57 -46.06 2.89
C ALA C 84 -3.70 -45.77 1.39
N THR C 85 -2.88 -46.44 0.56
CA THR C 85 -3.00 -46.28 -0.92
C THR C 85 -3.22 -47.68 -1.51
N GLU C 86 -3.36 -47.78 -2.82
CA GLU C 86 -3.63 -49.10 -3.45
C GLU C 86 -2.43 -50.02 -3.24
N ALA C 87 -1.20 -49.54 -3.47
CA ALA C 87 -0.04 -50.46 -3.41
C ALA C 87 0.83 -50.24 -2.16
N GLY C 88 0.30 -49.60 -1.11
CA GLY C 88 1.14 -49.31 0.06
C GLY C 88 0.46 -48.41 1.09
N TYR C 89 1.23 -47.91 2.06
CA TYR C 89 0.68 -46.97 3.07
C TYR C 89 1.74 -45.92 3.44
N TRP C 90 1.34 -44.88 4.17
CA TRP C 90 2.31 -43.85 4.63
C TRP C 90 2.48 -43.99 6.15
N LYS C 91 3.72 -44.07 6.62
CA LYS C 91 3.99 -44.22 8.08
C LYS C 91 4.68 -42.96 8.62
N ALA C 92 4.09 -42.34 9.63
CA ALA C 92 4.67 -41.11 10.23
C ALA C 92 5.94 -41.48 10.99
N THR C 93 7.04 -40.78 10.71
CA THR C 93 8.32 -41.03 11.43
C THR C 93 8.65 -39.81 12.29
N GLY C 94 9.03 -40.03 13.55
CA GLY C 94 9.47 -38.91 14.41
C GLY C 94 8.30 -38.14 15.01
N LYS C 95 8.52 -36.85 15.32
CA LYS C 95 7.45 -36.02 15.94
C LYS C 95 7.16 -34.81 15.06
N ASP C 96 6.04 -34.12 15.30
CA ASP C 96 5.64 -32.96 14.45
C ASP C 96 6.54 -31.76 14.77
N LYS C 97 6.58 -30.78 13.86
CA LYS C 97 7.43 -29.57 14.05
C LYS C 97 6.52 -28.34 14.14
N GLU C 98 6.48 -27.69 15.30
CA GLU C 98 5.57 -26.54 15.52
C GLU C 98 6.01 -25.33 14.67
N ILE C 99 5.12 -24.85 13.80
CA ILE C 99 5.44 -23.68 12.93
C ILE C 99 4.54 -22.50 13.34
N PHE C 100 5.10 -21.51 14.04
CA PHE C 100 4.31 -20.31 14.42
C PHE C 100 5.09 -19.05 14.07
N LYS C 101 4.65 -17.89 14.58
CA LYS C 101 5.31 -16.59 14.28
C LYS C 101 6.41 -16.34 15.32
N GLY C 107 0.72 -23.53 12.67
CA GLY C 107 1.15 -24.49 11.63
C GLY C 107 1.90 -25.66 12.24
N MET C 108 2.03 -26.77 11.50
CA MET C 108 2.75 -27.96 12.00
C MET C 108 3.27 -28.78 10.81
N LYS C 109 4.39 -29.49 11.00
CA LYS C 109 5.00 -30.30 9.91
C LYS C 109 5.14 -31.76 10.37
N LYS C 110 4.56 -32.69 9.62
CA LYS C 110 4.71 -34.14 9.96
C LYS C 110 5.50 -34.80 8.82
N THR C 111 6.48 -35.65 9.17
CA THR C 111 7.29 -36.35 8.15
C THR C 111 6.75 -37.77 8.00
N LEU C 112 6.36 -38.16 6.78
CA LEU C 112 5.80 -39.52 6.54
C LEU C 112 6.69 -40.25 5.53
N VAL C 113 7.08 -41.49 5.84
CA VAL C 113 7.87 -42.31 4.88
C VAL C 113 6.95 -43.40 4.30
N PHE C 114 6.96 -43.59 2.98
CA PHE C 114 6.04 -44.56 2.34
C PHE C 114 6.46 -45.99 2.62
N TYR C 115 5.51 -46.89 2.87
CA TYR C 115 5.81 -48.33 3.09
C TYR C 115 4.95 -49.17 2.14
N LYS C 116 5.58 -49.83 1.16
CA LYS C 116 4.85 -50.57 0.09
C LYS C 116 4.13 -51.81 0.63
N GLY C 117 4.49 -52.29 1.82
CA GLY C 117 3.91 -53.54 2.31
C GLY C 117 2.40 -53.45 2.50
N ARG C 118 1.87 -52.24 2.71
CA ARG C 118 0.42 -52.05 2.97
C ARG C 118 -0.03 -53.01 4.07
N ALA C 119 0.87 -53.34 5.00
CA ALA C 119 0.55 -54.30 6.08
C ALA C 119 1.54 -54.11 7.24
N PRO C 120 1.33 -54.71 8.45
CA PRO C 120 2.34 -54.61 9.52
C PRO C 120 3.69 -55.08 8.97
N LYS C 121 3.66 -56.06 8.06
CA LYS C 121 4.92 -56.47 7.38
C LYS C 121 5.07 -55.56 6.17
N GLY C 122 5.65 -54.37 6.35
CA GLY C 122 5.71 -53.40 5.24
C GLY C 122 7.12 -53.19 4.72
N VAL C 123 7.29 -53.28 3.39
CA VAL C 123 8.62 -53.01 2.77
C VAL C 123 8.82 -51.50 2.72
N LYS C 124 9.81 -50.97 3.43
CA LYS C 124 10.05 -49.51 3.48
C LYS C 124 10.40 -48.99 2.07
N THR C 125 9.81 -47.88 1.67
CA THR C 125 10.17 -47.28 0.35
C THR C 125 10.99 -46.02 0.64
N ASN C 126 11.76 -45.54 -0.34
CA ASN C 126 12.62 -44.35 -0.14
C ASN C 126 11.79 -43.09 -0.38
N TRP C 127 10.50 -43.25 -0.69
CA TRP C 127 9.61 -42.07 -0.88
C TRP C 127 9.29 -41.42 0.47
N VAL C 128 9.42 -40.09 0.56
CA VAL C 128 9.16 -39.35 1.83
C VAL C 128 8.23 -38.17 1.55
N MET C 129 7.35 -37.82 2.50
CA MET C 129 6.38 -36.73 2.29
C MET C 129 6.36 -35.83 3.53
N HIS C 130 6.27 -34.52 3.34
CA HIS C 130 6.23 -33.55 4.48
C HIS C 130 4.86 -32.90 4.57
N GLU C 131 4.04 -33.33 5.54
CA GLU C 131 2.66 -32.80 5.69
C GLU C 131 2.68 -31.45 6.42
N TYR C 132 2.08 -30.42 5.82
CA TYR C 132 1.98 -29.09 6.50
C TYR C 132 0.51 -28.79 6.77
N ARG C 133 0.15 -28.56 8.03
CA ARG C 133 -1.26 -28.27 8.39
C ARG C 133 -1.30 -26.94 9.17
N LEU C 134 -2.50 -26.53 9.60
CA LEU C 134 -2.64 -25.23 10.30
C LEU C 134 -2.99 -25.47 11.78
N GLU C 135 -2.21 -24.91 12.69
CA GLU C 135 -2.47 -25.07 14.14
C GLU C 135 -2.61 -23.68 14.78
N GLU C 150 -9.08 -28.99 6.99
CA GLU C 150 -9.42 -29.87 5.85
C GLU C 150 -8.24 -29.92 4.87
N TRP C 151 -8.07 -28.87 4.05
CA TRP C 151 -6.98 -28.86 3.03
C TRP C 151 -5.60 -28.83 3.70
N VAL C 152 -4.65 -29.62 3.17
CA VAL C 152 -3.25 -29.60 3.68
C VAL C 152 -2.33 -29.51 2.45
N ILE C 153 -1.07 -29.12 2.64
CA ILE C 153 -0.09 -29.09 1.51
C ILE C 153 1.08 -30.03 1.85
N CYS C 154 1.48 -30.87 0.90
CA CYS C 154 2.53 -31.88 1.21
C CYS C 154 3.67 -31.79 0.20
N ARG C 155 4.91 -31.98 0.66
CA ARG C 155 6.08 -31.99 -0.26
C ARG C 155 6.50 -33.46 -0.45
N VAL C 156 6.35 -34.00 -1.65
CA VAL C 156 6.72 -35.42 -1.91
C VAL C 156 8.07 -35.44 -2.64
N PHE C 157 9.02 -36.21 -2.11
CA PHE C 157 10.35 -36.35 -2.77
C PHE C 157 10.90 -37.74 -2.47
N GLN C 158 11.93 -38.16 -3.21
CA GLN C 158 12.56 -39.49 -2.95
C GLN C 158 14.00 -39.27 -2.46
N LYS C 159 14.23 -39.51 -1.16
CA LYS C 159 15.60 -39.36 -0.60
C LYS C 159 16.56 -40.27 -1.37
#